data_3ITW
#
_entry.id   3ITW
#
_cell.length_a   109.321
_cell.length_b   109.321
_cell.length_c   143.333
_cell.angle_alpha   90.00
_cell.angle_beta   90.00
_cell.angle_gamma   90.00
#
_symmetry.space_group_name_H-M   'I 41 2 2'
#
loop_
_entity.id
_entity.type
_entity.pdbx_description
1 polymer 'Protein tioX'
2 water water
#
_entity_poly.entity_id   1
_entity_poly.type   'polypeptide(L)'
_entity_poly.pdbx_seq_one_letter_code
;GSHMVVELAYTDPDRAVDWLVRVFGFRLLLRQPAIGTIRHADLDTGGGIVMVRRTGEPYTVSCAGGHTCKQVIVWVSDVD
EHFMRSTAAGADIVQPLQDKPWGLRQYLVRDLEGHLWEFTRHLRDVPPREWGAVAMT
;
_entity_poly.pdbx_strand_id   A,B
#
# COMPACT_ATOMS: atom_id res chain seq x y z
N GLY A 1 -20.54 -10.18 6.99
CA GLY A 1 -19.44 -11.02 6.42
C GLY A 1 -18.26 -10.20 5.92
N SER A 2 -18.50 -8.91 5.70
CA SER A 2 -17.49 -8.00 5.15
C SER A 2 -16.58 -7.39 6.22
N HIS A 3 -15.33 -7.13 5.86
CA HIS A 3 -14.37 -6.42 6.70
C HIS A 3 -13.51 -5.47 5.86
N MET A 4 -13.65 -4.17 6.12
CA MET A 4 -12.73 -3.13 5.59
C MET A 4 -11.31 -3.33 6.15
N VAL A 5 -10.31 -3.26 5.28
CA VAL A 5 -8.93 -3.40 5.70
C VAL A 5 -8.20 -2.06 5.57
N VAL A 6 -7.53 -1.66 6.65
CA VAL A 6 -6.75 -0.42 6.67
C VAL A 6 -5.26 -0.80 6.78
N GLU A 7 -4.50 -0.49 5.75
CA GLU A 7 -3.06 -0.81 5.71
C GLU A 7 -2.24 0.32 6.36
N LEU A 8 -1.33 -0.06 7.26
CA LEU A 8 -0.46 0.87 7.98
C LEU A 8 0.96 0.33 8.02
N ALA A 9 1.93 1.19 7.72
CA ALA A 9 3.34 0.79 7.69
C ALA A 9 4.06 1.09 9.02
N TYR A 10 4.80 0.09 9.52
CA TYR A 10 5.59 0.21 10.77
C TYR A 10 7.02 -0.22 10.55
N THR A 11 7.94 0.51 11.18
CA THR A 11 9.36 0.16 11.19
C THR A 11 9.62 -1.17 11.89
N ASP A 12 8.91 -1.42 12.99
CA ASP A 12 9.07 -2.65 13.77
C ASP A 12 7.71 -3.31 14.01
N PRO A 13 7.25 -4.12 13.04
CA PRO A 13 5.96 -4.79 13.15
C PRO A 13 5.78 -5.65 14.41
N ASP A 14 6.85 -6.28 14.91
CA ASP A 14 6.79 -7.06 16.16
C ASP A 14 6.30 -6.19 17.30
N ARG A 15 6.96 -5.05 17.48
CA ARG A 15 6.60 -4.10 18.55
C ARG A 15 5.28 -3.39 18.34
N ALA A 16 4.95 -3.10 17.07
CA ALA A 16 3.68 -2.49 16.72
C ALA A 16 2.48 -3.38 17.04
N VAL A 17 2.56 -4.65 16.66
CA VAL A 17 1.49 -5.61 16.95
C VAL A 17 1.26 -5.71 18.48
N ASP A 18 2.34 -5.93 19.22
CA ASP A 18 2.30 -5.94 20.68
C ASP A 18 1.65 -4.68 21.27
N TRP A 19 2.18 -3.52 20.87
CA TRP A 19 1.64 -2.24 21.27
C TRP A 19 0.14 -2.11 20.96
N LEU A 20 -0.27 -2.41 19.72
CA LEU A 20 -1.66 -2.21 19.30
C LEU A 20 -2.62 -3.14 20.04
N VAL A 21 -2.22 -4.38 20.25
CA VAL A 21 -3.00 -5.34 21.05
C VAL A 21 -3.12 -4.87 22.51
N ARG A 22 -1.99 -4.52 23.13
CA ARG A 22 -1.96 -4.08 24.53
C ARG A 22 -2.73 -2.77 24.78
N VAL A 23 -2.48 -1.76 23.94
CA VAL A 23 -2.97 -0.41 24.18
C VAL A 23 -4.41 -0.22 23.69
N PHE A 24 -4.71 -0.71 22.48
CA PHE A 24 -6.02 -0.52 21.87
C PHE A 24 -6.95 -1.73 22.01
N GLY A 25 -6.41 -2.86 22.43
CA GLY A 25 -7.19 -4.08 22.59
C GLY A 25 -7.58 -4.76 21.29
N PHE A 26 -6.79 -4.54 20.23
CA PHE A 26 -7.00 -5.25 18.97
C PHE A 26 -6.60 -6.71 19.16
N ARG A 27 -7.05 -7.57 18.24
CA ARG A 27 -6.77 -8.99 18.37
C ARG A 27 -5.97 -9.48 17.16
N LEU A 28 -4.87 -10.16 17.42
CA LEU A 28 -4.03 -10.72 16.36
C LEU A 28 -4.85 -11.80 15.64
N LEU A 29 -5.01 -11.65 14.34
CA LEU A 29 -5.70 -12.66 13.53
C LEU A 29 -4.70 -13.52 12.76
N LEU A 30 -3.63 -12.91 12.26
CA LEU A 30 -2.69 -13.60 11.38
C LEU A 30 -1.34 -12.92 11.40
N ARG A 31 -0.28 -13.71 11.35
CA ARG A 31 1.09 -13.19 11.23
C ARG A 31 1.86 -13.94 10.15
N GLN A 32 2.77 -13.24 9.49
CA GLN A 32 3.63 -13.82 8.46
C GLN A 32 5.02 -13.21 8.62
N PRO A 33 6.09 -14.03 8.55
CA PRO A 33 6.09 -15.47 8.45
C PRO A 33 5.79 -16.09 9.82
N ALA A 34 5.79 -17.41 9.88
CA ALA A 34 5.49 -18.14 11.11
C ALA A 34 6.57 -18.00 12.19
N ILE A 35 7.82 -18.00 11.76
CA ILE A 35 8.97 -17.98 12.66
C ILE A 35 9.80 -16.72 12.44
N GLY A 36 10.27 -16.13 13.54
CA GLY A 36 11.12 -14.95 13.47
C GLY A 36 10.30 -13.68 13.53
N THR A 37 10.90 -12.59 13.05
CA THR A 37 10.27 -11.29 13.11
C THR A 37 9.09 -11.20 12.13
N ILE A 38 8.02 -10.55 12.58
CA ILE A 38 6.84 -10.36 11.75
C ILE A 38 7.15 -9.35 10.63
N ARG A 39 6.73 -9.69 9.42
CA ARG A 39 6.74 -8.74 8.29
C ARG A 39 5.34 -8.24 8.01
N HIS A 40 4.35 -9.06 8.32
CA HIS A 40 2.96 -8.74 8.04
C HIS A 40 2.04 -9.37 9.08
N ALA A 41 1.10 -8.58 9.58
CA ALA A 41 0.12 -9.07 10.54
C ALA A 41 -1.23 -8.45 10.29
N ASP A 42 -2.30 -9.23 10.48
CA ASP A 42 -3.65 -8.69 10.41
C ASP A 42 -4.25 -8.63 11.81
N LEU A 43 -4.84 -7.48 12.14
CA LEU A 43 -5.40 -7.27 13.46
C LEU A 43 -6.87 -6.95 13.37
N ASP A 44 -7.70 -7.66 14.14
CA ASP A 44 -9.14 -7.38 14.19
C ASP A 44 -9.41 -6.29 15.23
N THR A 45 -10.20 -5.30 14.83
CA THR A 45 -10.59 -4.21 15.74
C THR A 45 -11.97 -4.45 16.31
N GLY A 46 -12.70 -5.41 15.76
CA GLY A 46 -14.11 -5.63 16.11
C GLY A 46 -15.03 -5.02 15.07
N GLY A 47 -14.49 -4.11 14.26
CA GLY A 47 -15.22 -3.50 13.14
C GLY A 47 -14.26 -2.99 12.09
N GLY A 48 -13.55 -3.90 11.44
CA GLY A 48 -12.51 -3.55 10.48
C GLY A 48 -11.18 -4.20 10.84
N ILE A 49 -10.32 -4.37 9.84
CA ILE A 49 -9.02 -4.99 10.03
C ILE A 49 -7.89 -3.97 9.84
N VAL A 50 -6.89 -4.02 10.71
CA VAL A 50 -5.66 -3.25 10.55
C VAL A 50 -4.62 -4.21 9.99
N MET A 51 -4.09 -3.89 8.81
CA MET A 51 -3.03 -4.68 8.21
C MET A 51 -1.69 -3.98 8.51
N VAL A 52 -0.90 -4.58 9.39
CA VAL A 52 0.40 -4.05 9.75
C VAL A 52 1.43 -4.56 8.73
N ARG A 53 2.18 -3.64 8.13
CA ARG A 53 3.23 -4.02 7.19
C ARG A 53 4.55 -3.37 7.56
N ARG A 54 5.66 -4.03 7.26
CA ARG A 54 6.94 -3.39 7.45
C ARG A 54 7.10 -2.26 6.45
N THR A 55 7.63 -1.13 6.92
CA THR A 55 8.01 -0.02 6.07
C THR A 55 8.84 -0.50 4.88
N GLY A 56 8.50 -0.04 3.69
CA GLY A 56 9.19 -0.44 2.46
C GLY A 56 8.68 -1.72 1.82
N GLU A 57 7.70 -2.37 2.44
CA GLU A 57 7.11 -3.61 1.89
C GLU A 57 5.57 -3.53 1.77
N PRO A 58 5.08 -2.68 0.86
CA PRO A 58 3.62 -2.47 0.77
C PRO A 58 2.85 -3.70 0.27
N TYR A 59 1.54 -3.66 0.48
CA TYR A 59 0.65 -4.77 0.12
C TYR A 59 0.61 -5.02 -1.40
N THR A 60 0.63 -3.95 -2.17
CA THR A 60 0.53 -4.07 -3.63
C THR A 60 1.40 -3.03 -4.35
N VAL A 61 1.33 -3.02 -5.68
CA VAL A 61 2.08 -2.08 -6.53
C VAL A 61 1.96 -0.66 -5.99
N SER A 62 3.06 0.09 -6.02
CA SER A 62 3.08 1.42 -5.42
C SER A 62 3.99 2.37 -6.17
N CYS A 63 3.78 3.66 -5.93
CA CYS A 63 4.62 4.72 -6.46
C CYS A 63 5.71 4.98 -5.42
N ALA A 64 6.93 5.28 -5.87
CA ALA A 64 8.05 5.54 -4.97
C ALA A 64 7.86 6.84 -4.20
N GLY A 65 8.10 6.79 -2.90
CA GLY A 65 7.92 7.94 -2.01
C GLY A 65 8.14 7.59 -0.55
N GLY A 66 8.17 8.63 0.30
CA GLY A 66 8.55 8.46 1.70
C GLY A 66 7.49 7.87 2.62
N HIS A 67 7.95 7.40 3.77
CA HIS A 67 7.12 6.91 4.87
C HIS A 67 6.52 8.13 5.59
N THR A 68 5.19 8.29 5.51
CA THR A 68 4.51 9.43 6.13
C THR A 68 3.59 9.01 7.27
N CYS A 69 3.31 9.94 8.19
CA CYS A 69 2.37 9.71 9.27
C CYS A 69 0.93 9.71 8.73
N LYS A 70 0.15 8.73 9.18
CA LYS A 70 -1.25 8.57 8.78
C LYS A 70 -2.19 8.96 9.91
N GLN A 71 -3.38 9.44 9.54
CA GLN A 71 -4.44 9.72 10.48
C GLN A 71 -5.39 8.55 10.35
N VAL A 72 -5.70 7.91 11.46
CA VAL A 72 -6.65 6.82 11.46
C VAL A 72 -7.89 7.27 12.23
N ILE A 73 -9.06 6.94 11.70
CA ILE A 73 -10.33 7.34 12.30
C ILE A 73 -11.05 6.10 12.81
N VAL A 74 -11.41 6.10 14.09
CA VAL A 74 -12.11 4.98 14.71
C VAL A 74 -13.32 5.48 15.54
N TRP A 75 -14.49 4.87 15.35
CA TRP A 75 -15.65 5.09 16.21
C TRP A 75 -15.66 4.04 17.31
N VAL A 76 -15.88 4.46 18.56
CA VAL A 76 -15.98 3.50 19.68
C VAL A 76 -17.25 3.74 20.49
N SER A 77 -17.75 2.69 21.15
CA SER A 77 -18.99 2.78 21.92
C SER A 77 -18.79 3.40 23.30
N ASP A 78 -17.74 2.97 24.00
CA ASP A 78 -17.43 3.51 25.33
C ASP A 78 -16.07 4.21 25.26
N VAL A 79 -16.09 5.47 24.83
CA VAL A 79 -14.86 6.26 24.61
C VAL A 79 -14.14 6.61 25.93
N ASP A 80 -14.90 6.67 27.02
CA ASP A 80 -14.35 6.94 28.34
C ASP A 80 -13.46 5.79 28.82
N GLU A 81 -13.97 4.57 28.72
CA GLU A 81 -13.21 3.38 29.11
C GLU A 81 -12.02 3.18 28.19
N HIS A 82 -12.21 3.53 26.91
CA HIS A 82 -11.16 3.45 25.91
C HIS A 82 -10.00 4.40 26.24
N PHE A 83 -10.33 5.64 26.59
CA PHE A 83 -9.35 6.65 26.97
C PHE A 83 -8.59 6.26 28.24
N MET A 84 -9.30 5.68 29.19
CA MET A 84 -8.70 5.24 30.46
C MET A 84 -7.67 4.10 30.26
N ARG A 85 -7.96 3.17 29.35
CA ARG A 85 -6.99 2.13 29.01
C ARG A 85 -5.76 2.66 28.25
N SER A 86 -5.99 3.56 27.29
CA SER A 86 -4.89 4.18 26.55
C SER A 86 -3.93 4.93 27.49
N THR A 87 -4.50 5.69 28.42
CA THR A 87 -3.72 6.44 29.41
C THR A 87 -2.92 5.54 30.37
N ALA A 88 -3.58 4.50 30.91
CA ALA A 88 -2.94 3.56 31.82
C ALA A 88 -1.78 2.80 31.16
N ALA A 89 -1.85 2.66 29.83
CA ALA A 89 -0.80 2.01 29.06
C ALA A 89 0.35 2.97 28.70
N GLY A 90 0.21 4.24 29.04
CA GLY A 90 1.24 5.25 28.76
C GLY A 90 1.33 5.77 27.33
N ALA A 91 0.25 5.62 26.56
CA ALA A 91 0.20 6.14 25.19
C ALA A 91 0.34 7.67 25.19
N ASP A 92 0.88 8.22 24.11
CA ASP A 92 1.02 9.69 24.00
C ASP A 92 -0.29 10.34 23.55
N ILE A 93 -0.98 10.97 24.50
CA ILE A 93 -2.23 11.65 24.21
C ILE A 93 -1.92 13.02 23.58
N VAL A 94 -2.48 13.24 22.39
CA VAL A 94 -2.33 14.52 21.69
C VAL A 94 -3.46 15.48 22.07
N GLN A 95 -4.69 14.97 22.06
CA GLN A 95 -5.87 15.71 22.48
C GLN A 95 -6.60 14.91 23.55
N PRO A 96 -6.68 15.45 24.78
CA PRO A 96 -7.37 14.74 25.86
C PRO A 96 -8.88 14.66 25.60
N LEU A 97 -9.52 13.63 26.13
CA LEU A 97 -10.95 13.40 25.97
C LEU A 97 -11.76 14.65 26.28
N GLN A 98 -12.61 15.03 25.34
CA GLN A 98 -13.41 16.25 25.46
C GLN A 98 -14.72 16.19 24.66
N ASP A 99 -15.66 17.07 25.01
CA ASP A 99 -16.88 17.27 24.26
C ASP A 99 -16.61 18.25 23.12
N LYS A 100 -17.24 18.01 21.98
CA LYS A 100 -17.15 18.91 20.83
C LYS A 100 -18.55 19.13 20.25
N PRO A 101 -18.81 20.32 19.68
CA PRO A 101 -20.07 20.67 19.01
C PRO A 101 -20.80 19.46 18.40
N TRP A 102 -22.12 19.45 18.58
CA TRP A 102 -22.98 18.28 18.41
C TRP A 102 -22.86 17.37 19.64
N GLY A 103 -22.96 16.05 19.46
CA GLY A 103 -22.87 15.12 20.58
C GLY A 103 -21.53 14.42 20.69
N LEU A 104 -20.51 15.02 20.07
CA LEU A 104 -19.18 14.39 19.95
C LEU A 104 -18.39 14.28 21.24
N ARG A 105 -17.89 13.08 21.51
CA ARG A 105 -16.88 12.84 22.53
C ARG A 105 -15.71 12.11 21.90
N GLN A 106 -14.59 12.81 21.73
CA GLN A 106 -13.41 12.24 21.09
C GLN A 106 -12.09 12.62 21.76
N TYR A 107 -11.07 11.81 21.48
CA TYR A 107 -9.69 12.12 21.84
C TYR A 107 -8.75 11.65 20.74
N LEU A 108 -7.49 12.08 20.83
CA LEU A 108 -6.48 11.80 19.82
C LEU A 108 -5.22 11.28 20.50
N VAL A 109 -4.66 10.21 19.94
CA VAL A 109 -3.47 9.57 20.49
C VAL A 109 -2.52 9.25 19.35
N ARG A 110 -1.22 9.43 19.63
CA ARG A 110 -0.17 9.08 18.70
C ARG A 110 0.37 7.70 19.09
N ASP A 111 0.48 6.78 18.13
CA ASP A 111 1.01 5.45 18.42
C ASP A 111 2.56 5.43 18.45
N LEU A 112 3.16 4.26 18.65
CA LEU A 112 4.63 4.17 18.77
C LEU A 112 5.42 4.62 17.54
N GLU A 113 4.80 4.52 16.36
CA GLU A 113 5.42 4.92 15.08
C GLU A 113 5.18 6.41 14.78
N GLY A 114 4.11 6.96 15.36
CA GLY A 114 3.75 8.35 15.12
C GLY A 114 2.44 8.54 14.37
N HIS A 115 1.78 7.45 14.02
CA HIS A 115 0.46 7.58 13.39
C HIS A 115 -0.53 8.17 14.40
N LEU A 116 -1.45 8.98 13.92
CA LEU A 116 -2.47 9.60 14.76
C LEU A 116 -3.78 8.83 14.71
N TRP A 117 -4.31 8.52 15.87
CA TRP A 117 -5.56 7.79 15.98
C TRP A 117 -6.59 8.67 16.66
N GLU A 118 -7.71 8.89 15.98
CA GLU A 118 -8.81 9.65 16.53
C GLU A 118 -9.94 8.69 16.91
N PHE A 119 -10.26 8.67 18.20
CA PHE A 119 -11.34 7.82 18.71
C PHE A 119 -12.52 8.69 19.11
N THR A 120 -13.67 8.43 18.51
CA THR A 120 -14.89 9.21 18.74
C THR A 120 -16.05 8.32 19.17
N ARG A 121 -16.84 8.80 20.12
CA ARG A 121 -18.07 8.12 20.52
C ARG A 121 -19.10 8.19 19.38
N HIS A 122 -19.07 7.17 18.53
CA HIS A 122 -19.92 7.05 17.32
C HIS A 122 -20.34 8.35 16.60
N LEU A 123 -19.43 9.34 16.65
CA LEU A 123 -19.61 10.67 16.08
C LEU A 123 -20.87 11.39 16.57
CA SER B 2 -5.26 3.07 1.93
C SER B 2 -4.78 4.03 0.84
N HIS B 3 -3.90 3.53 -0.02
CA HIS B 3 -3.18 4.40 -0.94
C HIS B 3 -3.82 4.56 -2.32
N MET B 4 -3.15 5.37 -3.13
CA MET B 4 -3.55 5.70 -4.49
C MET B 4 -3.41 4.52 -5.41
N VAL B 5 -4.26 4.45 -6.44
CA VAL B 5 -4.00 3.59 -7.57
C VAL B 5 -2.85 4.23 -8.35
N VAL B 6 -1.87 3.44 -8.80
CA VAL B 6 -0.84 4.01 -9.66
C VAL B 6 -1.36 4.22 -11.08
N GLU B 7 -1.29 5.47 -11.55
CA GLU B 7 -1.59 5.78 -12.95
C GLU B 7 -0.39 6.34 -13.71
N LEU B 8 -0.23 5.85 -14.93
CA LEU B 8 0.88 6.23 -15.78
C LEU B 8 0.35 6.92 -17.04
N ALA B 9 1.01 8.01 -17.41
CA ALA B 9 0.61 8.78 -18.60
C ALA B 9 1.63 8.59 -19.72
N TYR B 10 1.13 8.23 -20.91
CA TYR B 10 1.96 8.05 -22.10
C TYR B 10 1.47 8.91 -23.26
N THR B 11 2.40 9.35 -24.11
CA THR B 11 2.10 10.12 -25.32
C THR B 11 1.21 9.32 -26.28
N ASP B 12 1.51 8.03 -26.43
CA ASP B 12 0.56 7.09 -27.05
C ASP B 12 0.49 5.74 -26.33
N PRO B 13 -0.62 5.51 -25.61
CA PRO B 13 -0.88 4.31 -24.81
C PRO B 13 -0.96 3.02 -25.62
N ASP B 14 -1.24 3.16 -26.92
CA ASP B 14 -1.35 2.02 -27.84
C ASP B 14 -0.05 1.22 -27.86
N ARG B 15 1.05 1.92 -28.12
CA ARG B 15 2.38 1.33 -28.17
C ARG B 15 2.85 0.93 -26.77
N ALA B 16 2.53 1.77 -25.77
CA ALA B 16 2.89 1.50 -24.38
C ALA B 16 2.27 0.20 -23.87
N VAL B 17 0.97 0.02 -24.09
CA VAL B 17 0.29 -1.22 -23.69
C VAL B 17 0.96 -2.45 -24.31
N ASP B 18 1.17 -2.41 -25.63
CA ASP B 18 1.86 -3.49 -26.33
C ASP B 18 3.27 -3.75 -25.82
N TRP B 19 4.02 -2.66 -25.60
CA TRP B 19 5.39 -2.75 -25.08
C TRP B 19 5.45 -3.36 -23.68
N LEU B 20 4.57 -2.91 -22.80
CA LEU B 20 4.54 -3.40 -21.41
C LEU B 20 4.16 -4.89 -21.31
N VAL B 21 3.24 -5.32 -22.17
CA VAL B 21 2.81 -6.72 -22.24
C VAL B 21 3.93 -7.61 -22.76
N ARG B 22 4.63 -7.13 -23.79
CA ARG B 22 5.71 -7.90 -24.43
C ARG B 22 6.98 -7.94 -23.56
N VAL B 23 7.50 -6.77 -23.19
CA VAL B 23 8.77 -6.68 -22.45
C VAL B 23 8.65 -7.04 -20.97
N PHE B 24 7.68 -6.44 -20.27
CA PHE B 24 7.52 -6.64 -18.82
C PHE B 24 6.59 -7.81 -18.46
N GLY B 25 5.97 -8.42 -19.46
CA GLY B 25 5.10 -9.57 -19.24
C GLY B 25 3.77 -9.25 -18.56
N PHE B 26 3.38 -7.98 -18.62
CA PHE B 26 2.09 -7.55 -18.08
C PHE B 26 0.97 -8.18 -18.89
N ARG B 27 -0.24 -8.18 -18.34
CA ARG B 27 -1.41 -8.61 -19.11
C ARG B 27 -2.54 -7.58 -19.05
N LEU B 28 -3.14 -7.35 -20.21
CA LEU B 28 -4.26 -6.41 -20.33
C LEU B 28 -5.52 -7.02 -19.71
N LEU B 29 -6.11 -6.30 -18.77
CA LEU B 29 -7.35 -6.73 -18.12
C LEU B 29 -8.57 -6.05 -18.70
N LEU B 30 -8.40 -4.77 -19.04
CA LEU B 30 -9.47 -3.89 -19.50
C LEU B 30 -8.91 -2.77 -20.34
N ARG B 31 -9.63 -2.42 -21.39
CA ARG B 31 -9.22 -1.33 -22.27
C ARG B 31 -10.42 -0.49 -22.68
N GLN B 32 -10.18 0.80 -22.91
CA GLN B 32 -11.25 1.76 -23.25
C GLN B 32 -10.78 2.84 -24.23
N PRO B 33 -11.49 3.00 -25.36
CA PRO B 33 -12.63 2.16 -25.75
C PRO B 33 -12.20 0.76 -26.15
N ALA B 34 -13.17 -0.17 -26.23
CA ALA B 34 -12.91 -1.55 -26.61
C ALA B 34 -12.27 -1.64 -28.01
N ILE B 35 -12.74 -0.79 -28.91
CA ILE B 35 -12.28 -0.78 -30.29
C ILE B 35 -11.60 0.56 -30.60
N GLY B 36 -10.42 0.51 -31.23
CA GLY B 36 -9.72 1.71 -31.67
C GLY B 36 -8.58 2.15 -30.75
N THR B 37 -8.27 3.44 -30.80
CA THR B 37 -7.20 4.02 -29.99
C THR B 37 -7.50 4.01 -28.49
N ILE B 38 -6.49 3.72 -27.67
CA ILE B 38 -6.66 3.61 -26.22
C ILE B 38 -6.73 4.97 -25.54
N ARG B 39 -7.78 5.17 -24.74
CA ARG B 39 -7.88 6.30 -23.83
C ARG B 39 -7.52 5.87 -22.40
N HIS B 40 -7.84 4.62 -22.06
CA HIS B 40 -7.58 4.06 -20.75
C HIS B 40 -7.40 2.54 -20.83
N ALA B 41 -6.48 2.02 -20.02
CA ALA B 41 -6.28 0.58 -19.87
C ALA B 41 -5.84 0.20 -18.45
N ASP B 42 -6.29 -0.96 -17.99
CA ASP B 42 -5.84 -1.53 -16.72
C ASP B 42 -4.97 -2.75 -16.99
N LEU B 43 -3.77 -2.73 -16.42
CA LEU B 43 -2.79 -3.79 -16.65
C LEU B 43 -2.45 -4.49 -15.35
N ASP B 44 -2.41 -5.81 -15.40
CA ASP B 44 -1.93 -6.61 -14.28
C ASP B 44 -0.41 -6.76 -14.40
N THR B 45 0.30 -6.27 -13.39
CA THR B 45 1.76 -6.31 -13.38
C THR B 45 2.28 -7.62 -12.80
N GLY B 46 1.38 -8.40 -12.22
CA GLY B 46 1.76 -9.61 -11.48
C GLY B 46 2.08 -9.30 -10.02
N GLY B 47 1.96 -8.04 -9.65
CA GLY B 47 2.10 -7.58 -8.26
C GLY B 47 1.15 -6.42 -8.04
N GLY B 48 0.00 -6.46 -8.73
CA GLY B 48 -1.02 -5.44 -8.63
C GLY B 48 -1.33 -4.81 -9.97
N ILE B 49 -2.38 -4.00 -10.03
CA ILE B 49 -2.74 -3.38 -11.29
C ILE B 49 -2.37 -1.90 -11.36
N VAL B 50 -2.03 -1.46 -12.58
CA VAL B 50 -1.78 -0.05 -12.86
C VAL B 50 -2.76 0.45 -13.92
N MET B 51 -3.04 1.74 -13.89
CA MET B 51 -3.85 2.39 -14.92
C MET B 51 -2.89 3.07 -15.87
N VAL B 52 -3.11 2.90 -17.18
CA VAL B 52 -2.36 3.65 -18.17
C VAL B 52 -3.31 4.56 -18.95
N ARG B 53 -2.85 5.77 -19.24
CA ARG B 53 -3.69 6.76 -19.92
C ARG B 53 -2.90 7.70 -20.82
N ARG B 54 -3.63 8.51 -21.59
CA ARG B 54 -3.04 9.54 -22.44
C ARG B 54 -2.65 10.77 -21.62
N THR B 55 -1.55 11.41 -22.03
CA THR B 55 -1.13 12.68 -21.43
C THR B 55 -2.06 13.78 -21.96
N GLY B 56 -3.09 14.11 -21.17
CA GLY B 56 -4.08 15.12 -21.54
C GLY B 56 -5.46 14.55 -21.81
N GLU B 57 -6.16 15.11 -22.78
CA GLU B 57 -7.49 14.62 -23.22
C GLU B 57 -8.56 14.78 -22.13
N PRO B 58 -9.84 14.45 -22.45
CA PRO B 58 -10.80 14.20 -21.38
C PRO B 58 -10.61 12.78 -20.80
N TYR B 59 -10.70 12.64 -19.48
CA TYR B 59 -10.50 11.34 -18.83
C TYR B 59 -11.78 10.53 -18.75
N THR B 60 -11.64 9.21 -18.85
CA THR B 60 -12.78 8.29 -18.80
C THR B 60 -13.16 7.95 -17.36
N VAL B 61 -12.19 8.10 -16.45
CA VAL B 61 -12.39 7.84 -15.03
C VAL B 61 -12.51 9.15 -14.24
N SER B 62 -13.57 9.27 -13.44
CA SER B 62 -13.87 10.51 -12.71
C SER B 62 -12.80 10.94 -11.69
N CYS B 63 -12.11 9.97 -11.08
CA CYS B 63 -11.09 10.31 -10.09
C CYS B 63 -9.66 10.34 -10.69
N ALA B 64 -9.56 10.13 -12.00
CA ALA B 64 -8.26 10.15 -12.70
C ALA B 64 -7.76 11.55 -13.02
N GLY B 65 -6.46 11.66 -13.26
CA GLY B 65 -5.82 12.95 -13.58
C GLY B 65 -5.35 13.77 -12.39
N GLY B 66 -5.48 13.21 -11.19
CA GLY B 66 -5.11 13.91 -9.95
C GLY B 66 -3.64 13.75 -9.60
N HIS B 67 -3.04 12.65 -10.04
CA HIS B 67 -1.62 12.38 -9.86
C HIS B 67 -1.08 11.56 -11.05
N THR B 68 0.23 11.62 -11.25
CA THR B 68 0.90 10.80 -12.26
C THR B 68 2.25 10.29 -11.73
N CYS B 69 2.43 8.97 -11.75
CA CYS B 69 3.62 8.34 -11.17
C CYS B 69 4.77 8.21 -12.17
N LYS B 70 5.97 8.57 -11.72
CA LYS B 70 7.17 8.50 -12.57
C LYS B 70 8.06 7.32 -12.21
N GLN B 71 7.96 6.84 -10.97
CA GLN B 71 8.74 5.70 -10.51
C GLN B 71 7.87 4.66 -9.79
N VAL B 72 7.71 3.50 -10.42
CA VAL B 72 6.84 2.44 -9.94
C VAL B 72 7.65 1.30 -9.33
N ILE B 73 7.18 0.79 -8.18
CA ILE B 73 7.79 -0.36 -7.50
C ILE B 73 6.84 -1.56 -7.58
N VAL B 74 7.31 -2.64 -8.20
CA VAL B 74 6.52 -3.85 -8.39
C VAL B 74 7.20 -5.04 -7.71
N TRP B 75 6.47 -5.75 -6.85
CA TRP B 75 7.01 -6.97 -6.25
C TRP B 75 6.59 -8.18 -7.06
N VAL B 76 7.60 -8.92 -7.53
CA VAL B 76 7.42 -10.05 -8.45
C VAL B 76 7.94 -11.37 -7.86
N SER B 77 7.28 -12.47 -8.18
CA SER B 77 7.65 -13.80 -7.67
C SER B 77 8.99 -14.28 -8.23
N ASP B 78 9.17 -14.16 -9.54
CA ASP B 78 10.40 -14.62 -10.20
C ASP B 78 11.13 -13.49 -10.93
N VAL B 79 12.00 -12.79 -10.21
CA VAL B 79 12.69 -11.59 -10.71
C VAL B 79 13.79 -11.88 -11.75
N ASP B 80 14.41 -13.06 -11.67
CA ASP B 80 15.45 -13.44 -12.62
C ASP B 80 14.87 -13.63 -14.03
N GLU B 81 13.81 -14.43 -14.13
CA GLU B 81 13.10 -14.64 -15.38
C GLU B 81 12.58 -13.31 -15.94
N HIS B 82 12.09 -12.45 -15.05
CA HIS B 82 11.64 -11.10 -15.40
C HIS B 82 12.80 -10.27 -15.96
N PHE B 83 13.92 -10.30 -15.26
CA PHE B 83 15.14 -9.62 -15.69
C PHE B 83 15.59 -10.14 -17.05
N MET B 84 15.52 -11.46 -17.23
CA MET B 84 15.94 -12.13 -18.49
C MET B 84 15.11 -11.74 -19.71
N ARG B 85 13.80 -11.59 -19.51
CA ARG B 85 12.87 -11.18 -20.58
C ARG B 85 13.08 -9.72 -21.01
N SER B 86 13.29 -8.84 -20.04
CA SER B 86 13.49 -7.42 -20.31
C SER B 86 14.79 -7.13 -21.09
N THR B 87 15.88 -7.77 -20.68
CA THR B 87 17.18 -7.58 -21.34
C THR B 87 17.23 -8.21 -22.73
N ALA B 88 16.55 -9.35 -22.90
CA ALA B 88 16.45 -10.03 -24.20
C ALA B 88 15.67 -9.19 -25.21
N ALA B 89 14.81 -8.30 -24.69
CA ALA B 89 14.09 -7.35 -25.52
C ALA B 89 14.87 -6.04 -25.70
N GLY B 90 16.03 -5.95 -25.07
CA GLY B 90 16.87 -4.76 -25.12
C GLY B 90 16.27 -3.52 -24.48
N ALA B 91 15.66 -3.69 -23.31
CA ALA B 91 15.15 -2.56 -22.54
C ALA B 91 16.28 -1.78 -21.89
N ASP B 92 16.07 -0.48 -21.68
CA ASP B 92 17.08 0.37 -21.03
C ASP B 92 17.24 0.03 -19.55
N ILE B 93 18.12 -0.94 -19.27
CA ILE B 93 18.48 -1.31 -17.89
C ILE B 93 19.30 -0.18 -17.27
N VAL B 94 18.81 0.35 -16.15
CA VAL B 94 19.49 1.43 -15.43
C VAL B 94 20.43 0.84 -14.38
N GLN B 95 20.03 -0.34 -13.82
CA GLN B 95 20.77 -0.98 -12.75
C GLN B 95 20.62 -2.51 -12.92
N PRO B 96 21.75 -3.23 -13.18
CA PRO B 96 21.70 -4.72 -13.41
C PRO B 96 21.23 -5.51 -12.17
N LEU B 97 20.65 -6.68 -12.41
CA LEU B 97 20.06 -7.51 -11.33
C LEU B 97 21.11 -7.80 -10.21
N GLN B 98 20.80 -7.33 -8.99
CA GLN B 98 21.76 -7.43 -7.88
C GLN B 98 21.05 -7.81 -6.58
N ASP B 99 21.72 -8.67 -5.81
CA ASP B 99 21.33 -8.95 -4.43
C ASP B 99 21.67 -7.76 -3.56
N LYS B 100 20.71 -7.38 -2.74
CA LYS B 100 20.88 -6.28 -1.81
C LYS B 100 20.98 -6.88 -0.41
N PRO B 101 22.05 -6.53 0.32
CA PRO B 101 22.31 -7.09 1.66
C PRO B 101 21.25 -6.75 2.70
N TRP B 102 20.00 -6.66 2.28
CA TRP B 102 18.86 -6.55 3.18
C TRP B 102 17.76 -7.55 2.80
N GLY B 103 18.16 -8.63 2.14
CA GLY B 103 17.25 -9.75 1.82
C GLY B 103 16.43 -9.60 0.56
N LEU B 104 16.86 -8.72 -0.33
CA LEU B 104 16.10 -8.43 -1.56
C LEU B 104 16.99 -8.56 -2.80
N ARG B 105 16.38 -8.99 -3.90
CA ARG B 105 17.02 -8.90 -5.21
C ARG B 105 16.12 -8.22 -6.22
N GLN B 106 16.74 -7.34 -7.02
CA GLN B 106 16.01 -6.33 -7.76
C GLN B 106 16.86 -5.75 -8.86
N TYR B 107 16.19 -5.06 -9.77
CA TYR B 107 16.84 -4.28 -10.81
C TYR B 107 15.97 -3.08 -11.19
N LEU B 108 16.61 -2.05 -11.72
CA LEU B 108 15.92 -0.86 -12.24
C LEU B 108 15.97 -0.86 -13.76
N VAL B 109 14.90 -0.35 -14.38
CA VAL B 109 14.75 -0.35 -15.83
C VAL B 109 13.81 0.77 -16.28
N ARG B 110 14.15 1.42 -17.38
CA ARG B 110 13.25 2.42 -17.97
C ARG B 110 12.40 1.81 -19.08
N ASP B 111 11.14 2.25 -19.17
CA ASP B 111 10.24 1.78 -20.22
C ASP B 111 10.39 2.62 -21.50
N LEU B 112 9.58 2.31 -22.51
CA LEU B 112 9.73 2.92 -23.84
C LEU B 112 9.55 4.46 -23.88
N GLU B 113 9.01 5.03 -22.80
CA GLU B 113 8.86 6.48 -22.71
C GLU B 113 9.64 7.10 -21.54
N GLY B 114 10.51 6.30 -20.91
CA GLY B 114 11.43 6.80 -19.90
C GLY B 114 11.00 6.73 -18.43
N HIS B 115 9.83 6.16 -18.15
CA HIS B 115 9.39 5.97 -16.76
C HIS B 115 10.24 4.89 -16.08
N LEU B 116 10.59 5.13 -14.81
CA LEU B 116 11.43 4.20 -14.06
C LEU B 116 10.62 3.12 -13.32
N TRP B 117 10.98 1.87 -13.56
CA TRP B 117 10.37 0.73 -12.89
C TRP B 117 11.41 0.00 -12.05
N GLU B 118 11.01 -0.36 -10.82
CA GLU B 118 11.81 -1.17 -9.92
C GLU B 118 11.08 -2.50 -9.73
N PHE B 119 11.76 -3.59 -10.05
CA PHE B 119 11.19 -4.94 -9.88
C PHE B 119 11.99 -5.67 -8.82
N THR B 120 11.30 -6.15 -7.78
CA THR B 120 11.95 -6.67 -6.57
C THR B 120 11.31 -7.99 -6.09
N ARG B 121 12.09 -8.83 -5.43
CA ARG B 121 11.57 -10.00 -4.74
C ARG B 121 12.10 -10.09 -3.29
C TRP B 131 6.53 -19.03 6.24
N GLY B 132 5.31 -18.76 5.78
CA GLY B 132 4.12 -19.45 6.30
C GLY B 132 3.13 -18.51 6.96
N ALA B 133 1.89 -18.97 7.07
CA ALA B 133 0.86 -18.23 7.78
C ALA B 133 0.56 -18.90 9.13
N VAL B 134 0.27 -18.07 10.13
CA VAL B 134 -0.19 -18.57 11.42
C VAL B 134 -1.38 -17.72 11.86
N ALA B 135 -2.58 -18.27 11.69
CA ALA B 135 -3.79 -17.60 12.15
C ALA B 135 -3.95 -17.81 13.65
N MET B 136 -4.24 -16.74 14.38
CA MET B 136 -4.40 -16.82 15.83
C MET B 136 -5.83 -17.16 16.24
N THR B 137 -6.04 -18.45 16.54
CA THR B 137 -7.35 -18.94 17.00
#